data_7Y88
#
_entry.id   7Y88
#
_cell.length_a   100.560
_cell.length_b   113.137
_cell.length_c   138.052
_cell.angle_alpha   90.000
_cell.angle_beta   90.000
_cell.angle_gamma   90.000
#
_symmetry.space_group_name_H-M   'F 2 2 2'
#
loop_
_entity.id
_entity.type
_entity.pdbx_description
1 polymer 'Putative glutamate dehydrogenase/leucine dehydrogenase'
2 non-polymer 'GERANYLGERANYL DIPHOSPHATE'
3 non-polymer 'MAGNESIUM ION'
4 water water
#
_entity_poly.entity_id   1
_entity_poly.type   'polypeptide(L)'
_entity_poly.pdbx_seq_one_letter_code
;MGMPVPGTLSVEIPPRYCPLPTARHPDETVLARRTADWIDGFDLELTPQQRARMRGNDCPGFYGRIMPHSPTDRLQLAVD
WCTVMFHFDDVHCDEGPATGRAARFADLATRIVRVLEAPDARLEGPGDTMLAPVRDLALRARRWATPAQMRRCAEAHRAW
FLAVAWELGHRAARSTPALNDYAHMRQHTAAGAATLAWAEIVDGAEIPDRELSSPEVRALTELAFTTAAFDDDLFSYGKE
LWVARAEGTAPSGLGLVEILRRENRCGRPEALRAAVCLCNRLTHRFIALRERVLPDASAPLRAYLDHLCHLLPGNLEWGL
TADRYRNPDGRTPGAVTTTASRDTDPPADTSPPAIPSIAWWWDPLGGRPATEHHHHHH
;
_entity_poly.pdbx_strand_id   A
#
loop_
_chem_comp.id
_chem_comp.type
_chem_comp.name
_chem_comp.formula
GRG non-polymer 'GERANYLGERANYL DIPHOSPHATE' 'C20 H36 O7 P2'
MG non-polymer 'MAGNESIUM ION' 'Mg 2'
#
# COMPACT_ATOMS: atom_id res chain seq x y z
N SER A 10 -17.56 14.76 2.54
CA SER A 10 -18.31 13.62 3.06
C SER A 10 -18.40 12.50 2.01
N VAL A 11 -18.01 11.28 2.37
CA VAL A 11 -18.07 10.12 1.49
C VAL A 11 -18.66 8.94 2.24
N GLU A 12 -19.69 8.31 1.67
CA GLU A 12 -20.32 7.13 2.25
C GLU A 12 -19.92 5.95 1.37
N ILE A 13 -19.15 5.02 1.91
CA ILE A 13 -18.71 3.82 1.18
C ILE A 13 -19.77 2.76 1.35
N PRO A 14 -20.35 2.22 0.27
CA PRO A 14 -21.36 1.16 0.38
C PRO A 14 -20.81 -0.07 1.09
N PRO A 15 -21.69 -0.96 1.55
CA PRO A 15 -21.27 -2.04 2.47
C PRO A 15 -20.21 -2.97 1.90
N ARG A 16 -19.08 -3.04 2.62
CA ARG A 16 -17.94 -3.88 2.25
C ARG A 16 -18.02 -5.23 2.95
N TYR A 17 -17.77 -6.29 2.19
CA TYR A 17 -17.71 -7.64 2.71
C TYR A 17 -16.26 -7.96 3.08
N CYS A 18 -16.00 -8.15 4.36
CA CYS A 18 -14.67 -8.54 4.83
C CYS A 18 -14.82 -9.26 6.15
N PRO A 19 -15.24 -10.51 6.12
CA PRO A 19 -15.48 -11.29 7.35
C PRO A 19 -14.19 -11.82 7.97
N LEU A 20 -13.27 -10.91 8.27
CA LEU A 20 -11.96 -11.25 8.80
C LEU A 20 -11.69 -10.35 10.01
N PRO A 21 -11.16 -10.91 11.08
CA PRO A 21 -10.97 -10.13 12.31
C PRO A 21 -9.77 -9.23 12.21
N THR A 22 -9.85 -8.10 12.91
CA THR A 22 -8.73 -7.17 12.93
C THR A 22 -8.27 -6.97 14.37
N ALA A 23 -6.98 -6.72 14.52
CA ALA A 23 -6.38 -6.51 15.83
C ALA A 23 -5.30 -5.45 15.70
N ARG A 24 -5.06 -4.73 16.79
CA ARG A 24 -4.02 -3.72 16.83
C ARG A 24 -2.84 -4.23 17.63
N HIS A 25 -1.65 -3.78 17.25
CA HIS A 25 -0.46 -4.10 18.02
C HIS A 25 -0.50 -3.36 19.36
N PRO A 26 -0.07 -3.99 20.46
CA PRO A 26 -0.14 -3.32 21.77
C PRO A 26 0.91 -2.24 21.98
N ASP A 27 1.93 -2.14 21.14
CA ASP A 27 3.02 -1.19 21.37
C ASP A 27 3.07 -0.08 20.33
N GLU A 28 1.92 0.36 19.83
CA GLU A 28 1.90 1.46 18.85
C GLU A 28 2.61 2.70 19.37
N THR A 29 2.43 3.04 20.65
CA THR A 29 3.04 4.28 21.14
C THR A 29 4.56 4.19 21.13
N VAL A 30 5.12 3.06 21.56
CA VAL A 30 6.56 2.85 21.49
C VAL A 30 7.03 2.91 20.04
N LEU A 31 6.30 2.25 19.14
CA LEU A 31 6.70 2.25 17.73
C LEU A 31 6.67 3.65 17.14
N ALA A 32 5.65 4.44 17.52
CA ALA A 32 5.55 5.81 17.03
C ALA A 32 6.70 6.67 17.52
N ARG A 33 6.99 6.60 18.82
CA ARG A 33 8.09 7.38 19.40
C ARG A 33 9.41 7.05 18.69
N ARG A 34 9.68 5.76 18.53
CA ARG A 34 10.96 5.36 17.95
C ARG A 34 11.04 5.68 16.46
N THR A 35 9.91 5.62 15.74
CA THR A 35 10.04 5.85 14.31
C THR A 35 10.20 7.34 14.02
N ALA A 36 9.58 8.18 14.86
CA ALA A 36 9.78 9.62 14.71
C ALA A 36 11.21 10.01 15.04
N ASP A 37 11.76 9.43 16.10
CA ASP A 37 13.13 9.72 16.51
C ASP A 37 14.10 9.17 15.48
N TRP A 38 13.77 8.02 14.87
CA TRP A 38 14.61 7.44 13.84
C TRP A 38 14.69 8.36 12.61
N ILE A 39 13.54 8.76 12.08
CA ILE A 39 13.52 9.58 10.87
C ILE A 39 14.10 10.97 11.12
N ASP A 40 14.06 11.44 12.38
CA ASP A 40 14.63 12.74 12.69
C ASP A 40 16.15 12.69 12.81
N GLY A 41 16.73 11.49 12.84
CA GLY A 41 18.16 11.31 12.97
C GLY A 41 18.96 11.47 11.70
N PHE A 42 18.31 11.71 10.56
CA PHE A 42 19.01 11.89 9.30
C PHE A 42 18.98 13.38 8.93
N ASP A 43 19.10 13.68 7.63
CA ASP A 43 19.10 15.09 7.25
C ASP A 43 17.94 15.46 6.35
N LEU A 44 16.73 15.05 6.73
CA LEU A 44 15.55 15.38 5.95
C LEU A 44 15.01 16.76 6.27
N GLU A 45 15.48 17.42 7.32
CA GLU A 45 15.05 18.77 7.69
C GLU A 45 13.53 18.86 7.73
N LEU A 46 12.95 18.07 8.62
CA LEU A 46 11.51 17.97 8.75
C LEU A 46 10.95 19.21 9.43
N THR A 47 9.93 19.80 8.84
CA THR A 47 9.19 20.89 9.45
C THR A 47 8.14 20.36 10.42
N PRO A 48 7.68 21.19 11.35
CA PRO A 48 6.55 20.74 12.22
C PRO A 48 5.35 20.28 11.43
N GLN A 49 5.04 20.92 10.29
CA GLN A 49 3.94 20.49 9.45
C GLN A 49 4.18 19.08 8.91
N GLN A 50 5.41 18.79 8.49
CA GLN A 50 5.72 17.47 7.97
C GLN A 50 5.71 16.41 9.07
N ARG A 51 6.11 16.79 10.29
CA ARG A 51 6.07 15.85 11.40
C ARG A 51 4.65 15.55 11.82
N ALA A 52 3.79 16.58 11.81
CA ALA A 52 2.37 16.37 12.07
C ALA A 52 1.76 15.44 11.04
N ARG A 53 2.10 15.62 9.76
CA ARG A 53 1.51 14.76 8.74
C ARG A 53 2.00 13.32 8.89
N MET A 54 3.26 13.13 9.25
CA MET A 54 3.75 11.79 9.55
C MET A 54 3.01 11.16 10.72
N ARG A 55 2.66 11.96 11.74
CA ARG A 55 1.80 11.45 12.79
C ARG A 55 0.46 11.01 12.23
N GLY A 56 -0.12 11.82 11.35
CA GLY A 56 -1.41 11.47 10.76
C GLY A 56 -1.37 10.21 9.90
N ASN A 57 -0.19 9.85 9.40
CA ASN A 57 -0.04 8.61 8.64
C ASN A 57 -0.21 7.38 9.52
N ASP A 58 0.06 7.50 10.82
CA ASP A 58 -0.07 6.42 11.79
C ASP A 58 0.53 5.12 11.25
N CYS A 59 1.82 5.18 10.90
CA CYS A 59 2.51 3.97 10.46
C CYS A 59 2.52 2.84 11.48
N PRO A 60 2.67 3.07 12.79
CA PRO A 60 2.54 1.95 13.72
C PRO A 60 1.16 1.33 13.72
N GLY A 61 0.11 2.15 13.56
CA GLY A 61 -1.23 1.59 13.47
C GLY A 61 -1.45 0.79 12.21
N PHE A 62 -0.82 1.20 11.11
CA PHE A 62 -0.98 0.45 9.86
C PHE A 62 -0.29 -0.90 9.95
N TYR A 63 1.02 -0.91 10.17
CA TYR A 63 1.72 -2.19 10.11
C TYR A 63 1.48 -3.00 11.37
N GLY A 64 1.18 -2.32 12.50
CA GLY A 64 0.79 -3.05 13.68
C GLY A 64 -0.47 -3.86 13.49
N ARG A 65 -1.40 -3.37 12.68
CA ARG A 65 -2.59 -4.14 12.35
C ARG A 65 -2.28 -5.31 11.43
N ILE A 66 -1.20 -5.22 10.65
CA ILE A 66 -0.79 -6.33 9.81
C ILE A 66 -0.17 -7.43 10.65
N MET A 67 0.63 -7.07 11.65
CA MET A 67 1.39 -8.04 12.45
C MET A 67 1.17 -7.77 13.93
N PRO A 68 -0.07 -7.93 14.42
CA PRO A 68 -0.37 -7.52 15.79
C PRO A 68 0.28 -8.37 16.87
N HIS A 69 0.82 -9.54 16.53
CA HIS A 69 1.46 -10.40 17.52
C HIS A 69 2.97 -10.42 17.40
N SER A 70 3.55 -9.53 16.58
CA SER A 70 4.98 -9.58 16.29
C SER A 70 5.79 -8.87 17.37
N PRO A 71 7.06 -9.25 17.54
CA PRO A 71 7.89 -8.55 18.53
C PRO A 71 8.14 -7.10 18.12
N THR A 72 8.01 -6.20 19.09
CA THR A 72 8.07 -4.76 18.81
C THR A 72 9.37 -4.37 18.14
N ASP A 73 10.50 -4.87 18.63
CA ASP A 73 11.79 -4.42 18.08
C ASP A 73 11.97 -4.85 16.63
N ARG A 74 11.36 -5.96 16.22
CA ARG A 74 11.46 -6.37 14.82
C ARG A 74 10.43 -5.66 13.94
N LEU A 75 9.22 -5.46 14.45
CA LEU A 75 8.19 -4.72 13.71
C LEU A 75 8.65 -3.31 13.42
N GLN A 76 9.52 -2.75 14.28
CA GLN A 76 10.04 -1.41 14.05
C GLN A 76 10.63 -1.26 12.66
N LEU A 77 11.22 -2.32 12.13
CA LEU A 77 11.86 -2.25 10.82
C LEU A 77 10.82 -1.94 9.75
N ALA A 78 9.69 -2.65 9.79
CA ALA A 78 8.62 -2.41 8.83
C ALA A 78 7.97 -1.05 9.07
N VAL A 79 7.77 -0.67 10.33
CA VAL A 79 7.20 0.64 10.61
C VAL A 79 8.11 1.74 10.08
N ASP A 80 9.43 1.58 10.26
CA ASP A 80 10.33 2.63 9.80
C ASP A 80 10.32 2.72 8.28
N TRP A 81 10.20 1.58 7.58
CA TRP A 81 10.07 1.63 6.12
C TRP A 81 8.82 2.40 5.73
N CYS A 82 7.69 2.15 6.41
CA CYS A 82 6.48 2.91 6.10
C CYS A 82 6.72 4.41 6.32
N THR A 83 7.39 4.76 7.40
CA THR A 83 7.60 6.17 7.69
C THR A 83 8.33 6.87 6.55
N VAL A 84 9.42 6.28 6.08
CA VAL A 84 10.20 6.98 5.06
C VAL A 84 9.51 6.93 3.69
N MET A 85 8.75 5.88 3.40
CA MET A 85 8.12 5.76 2.09
C MET A 85 6.84 6.58 1.99
N PHE A 86 6.11 6.78 3.10
CA PHE A 86 5.06 7.80 3.09
C PHE A 86 5.64 9.16 2.80
N HIS A 87 6.83 9.45 3.33
CA HIS A 87 7.49 10.71 3.00
C HIS A 87 7.94 10.74 1.54
N PHE A 88 8.64 9.68 1.10
CA PHE A 88 9.05 9.59 -0.29
C PHE A 88 7.88 9.88 -1.23
N ASP A 89 6.71 9.33 -0.93
CA ASP A 89 5.55 9.55 -1.78
C ASP A 89 5.11 11.00 -1.76
N ASP A 90 5.13 11.64 -0.60
CA ASP A 90 4.59 12.98 -0.47
C ASP A 90 5.54 14.06 -0.97
N VAL A 91 6.79 13.71 -1.27
CA VAL A 91 7.81 14.72 -1.58
C VAL A 91 8.51 14.41 -2.91
N HIS A 92 8.66 13.12 -3.24
CA HIS A 92 9.41 12.72 -4.43
C HIS A 92 8.58 12.05 -5.51
N CYS A 93 7.28 11.85 -5.30
CA CYS A 93 6.40 11.27 -6.30
C CYS A 93 5.42 12.33 -6.77
N ASP A 94 5.49 12.67 -8.06
CA ASP A 94 4.66 13.72 -8.68
C ASP A 94 4.93 15.08 -8.04
N GLU A 95 6.20 15.38 -7.81
CA GLU A 95 6.60 16.66 -7.22
C GLU A 95 7.86 17.16 -7.92
N GLY A 96 8.32 18.34 -7.52
CA GLY A 96 9.44 18.99 -8.16
C GLY A 96 9.01 19.67 -9.46
N PRO A 97 9.97 20.28 -10.16
CA PRO A 97 9.65 20.90 -11.45
C PRO A 97 9.08 19.87 -12.41
N ALA A 98 8.14 20.33 -13.25
CA ALA A 98 7.60 19.44 -14.27
C ALA A 98 8.67 19.04 -15.27
N THR A 99 9.59 19.96 -15.58
CA THR A 99 10.64 19.67 -16.57
C THR A 99 11.64 18.68 -15.98
N GLY A 100 11.81 17.55 -16.68
CA GLY A 100 12.71 16.51 -16.21
C GLY A 100 12.19 15.71 -15.05
N ARG A 101 10.87 15.70 -14.83
CA ARG A 101 10.32 15.02 -13.66
C ARG A 101 10.49 13.51 -13.78
N ALA A 102 10.21 12.93 -14.95
CA ALA A 102 10.29 11.49 -15.11
C ALA A 102 11.73 11.00 -14.97
N ALA A 103 12.69 11.74 -15.55
CA ALA A 103 14.10 11.38 -15.39
C ALA A 103 14.53 11.43 -13.94
N ARG A 104 14.10 12.47 -13.21
CA ARG A 104 14.47 12.61 -11.81
C ARG A 104 13.96 11.43 -10.99
N PHE A 105 12.73 11.00 -11.25
CA PHE A 105 12.17 9.90 -10.48
C PHE A 105 12.93 8.61 -10.75
N ALA A 106 13.10 8.28 -12.04
CA ALA A 106 13.79 7.05 -12.40
C ALA A 106 15.19 7.00 -11.80
N ASP A 107 15.89 8.14 -11.78
CA ASP A 107 17.22 8.19 -11.18
C ASP A 107 17.16 7.87 -9.68
N LEU A 108 16.27 8.55 -8.95
CA LEU A 108 16.16 8.29 -7.51
C LEU A 108 15.70 6.86 -7.24
N ALA A 109 14.73 6.38 -8.01
CA ALA A 109 14.20 5.03 -7.80
C ALA A 109 15.29 3.98 -7.91
N THR A 110 16.13 4.06 -8.95
CA THR A 110 17.17 3.06 -9.12
C THR A 110 18.23 3.15 -8.03
N ARG A 111 18.45 4.34 -7.46
CA ARG A 111 19.40 4.42 -6.35
C ARG A 111 18.85 3.72 -5.12
N ILE A 112 17.57 3.93 -4.83
CA ILE A 112 16.94 3.26 -3.70
C ILE A 112 17.07 1.74 -3.82
N VAL A 113 16.74 1.20 -5.00
CA VAL A 113 16.84 -0.25 -5.19
C VAL A 113 18.27 -0.72 -5.00
N ARG A 114 19.24 0.01 -5.58
CA ARG A 114 20.64 -0.42 -5.45
C ARG A 114 21.09 -0.40 -4.00
N VAL A 115 20.67 0.59 -3.23
CA VAL A 115 21.08 0.65 -1.83
C VAL A 115 20.54 -0.56 -1.07
N LEU A 116 19.31 -1.00 -1.40
CA LEU A 116 18.77 -2.21 -0.78
C LEU A 116 19.62 -3.44 -1.09
N GLU A 117 20.25 -3.47 -2.27
CA GLU A 117 21.14 -4.55 -2.69
C GLU A 117 22.56 -4.38 -2.20
N ALA A 118 22.99 -3.13 -2.01
CA ALA A 118 24.40 -2.79 -1.81
C ALA A 118 24.45 -1.55 -0.95
N PRO A 119 24.31 -1.70 0.38
CA PRO A 119 24.09 -0.52 1.23
C PRO A 119 25.24 0.48 1.22
N ASP A 120 26.44 0.07 0.82
CA ASP A 120 27.56 1.00 0.73
C ASP A 120 27.88 1.38 -0.70
N ALA A 121 26.86 1.41 -1.57
CA ALA A 121 27.06 1.81 -2.96
C ALA A 121 27.46 3.27 -3.08
N ARG A 122 27.24 4.06 -2.04
CA ARG A 122 27.61 5.47 -2.02
C ARG A 122 27.09 6.19 -3.26
N LEU A 123 25.77 6.05 -3.47
CA LEU A 123 25.10 6.70 -4.58
C LEU A 123 24.83 8.14 -4.20
N GLU A 124 25.75 8.68 -3.38
CA GLU A 124 26.03 10.07 -3.04
C GLU A 124 24.77 10.89 -2.73
N GLY A 125 24.93 12.21 -2.68
CA GLY A 125 23.87 13.09 -2.27
C GLY A 125 23.91 14.41 -3.01
N PRO A 126 23.16 14.51 -4.11
CA PRO A 126 23.07 15.80 -4.82
C PRO A 126 21.97 16.67 -4.21
N GLY A 127 22.11 16.93 -2.90
CA GLY A 127 20.97 17.32 -2.11
C GLY A 127 20.10 16.16 -1.73
N ASP A 128 20.66 14.96 -1.65
CA ASP A 128 19.88 13.76 -1.37
C ASP A 128 19.58 13.61 0.10
N THR A 129 18.37 13.15 0.38
CA THR A 129 17.91 12.85 1.72
C THR A 129 17.44 11.42 1.88
N MET A 130 16.89 10.82 0.82
CA MET A 130 16.21 9.52 0.94
C MET A 130 17.17 8.38 1.25
N LEU A 131 18.41 8.45 0.75
CA LEU A 131 19.22 7.24 0.70
C LEU A 131 19.80 6.88 2.06
N ALA A 132 20.04 7.87 2.92
CA ALA A 132 20.57 7.55 4.24
C ALA A 132 19.60 6.68 5.04
N PRO A 133 18.31 7.04 5.18
CA PRO A 133 17.39 6.12 5.89
C PRO A 133 17.21 4.79 5.17
N VAL A 134 17.18 4.78 3.84
CA VAL A 134 17.05 3.51 3.12
C VAL A 134 18.23 2.60 3.42
N ARG A 135 19.44 3.17 3.38
CA ARG A 135 20.63 2.40 3.75
C ARG A 135 20.52 1.84 5.17
N ASP A 136 20.02 2.64 6.11
CA ASP A 136 19.85 2.14 7.46
C ASP A 136 18.88 0.95 7.50
N LEU A 137 17.77 1.05 6.76
CA LEU A 137 16.84 -0.08 6.70
C LEU A 137 17.50 -1.32 6.11
N ALA A 138 18.27 -1.15 5.02
CA ALA A 138 18.90 -2.30 4.38
C ALA A 138 19.88 -2.98 5.33
N LEU A 139 20.70 -2.19 6.03
CA LEU A 139 21.66 -2.77 6.97
C LEU A 139 20.94 -3.51 8.09
N ARG A 140 19.89 -2.91 8.65
CA ARG A 140 19.14 -3.57 9.71
C ARG A 140 18.47 -4.84 9.20
N ALA A 141 17.93 -4.80 7.97
CA ALA A 141 17.24 -5.96 7.44
C ALA A 141 18.20 -7.12 7.23
N ARG A 142 19.42 -6.81 6.77
CA ARG A 142 20.41 -7.85 6.51
C ARG A 142 20.84 -8.58 7.78
N ARG A 143 20.65 -7.98 8.96
CA ARG A 143 20.96 -8.70 10.18
C ARG A 143 20.02 -9.87 10.41
N TRP A 144 18.80 -9.79 9.86
CA TRP A 144 17.75 -10.75 10.12
C TRP A 144 17.32 -11.54 8.89
N ALA A 145 17.44 -10.96 7.70
CA ALA A 145 16.90 -11.52 6.47
C ALA A 145 17.84 -12.54 5.84
N THR A 146 17.24 -13.55 5.19
CA THR A 146 18.02 -14.42 4.32
C THR A 146 18.33 -13.68 3.03
N PRO A 147 19.33 -14.14 2.28
CA PRO A 147 19.60 -13.51 0.97
C PRO A 147 18.39 -13.49 0.05
N ALA A 148 17.62 -14.58 0.00
CA ALA A 148 16.39 -14.58 -0.80
C ALA A 148 15.41 -13.51 -0.33
N GLN A 149 15.31 -13.29 0.99
CA GLN A 149 14.39 -12.29 1.48
C GLN A 149 14.84 -10.90 1.04
N MET A 150 16.14 -10.66 1.06
CA MET A 150 16.65 -9.35 0.64
C MET A 150 16.42 -9.15 -0.84
N ARG A 151 16.61 -10.20 -1.65
CA ARG A 151 16.29 -10.14 -3.08
C ARG A 151 14.82 -9.77 -3.30
N ARG A 152 13.92 -10.42 -2.54
CA ARG A 152 12.50 -10.14 -2.70
C ARG A 152 12.18 -8.68 -2.42
N CYS A 153 12.84 -8.08 -1.42
CA CYS A 153 12.61 -6.67 -1.14
C CYS A 153 13.01 -5.81 -2.33
N ALA A 154 14.21 -6.06 -2.88
CA ALA A 154 14.68 -5.27 -4.02
C ALA A 154 13.73 -5.39 -5.20
N GLU A 155 13.34 -6.61 -5.54
CA GLU A 155 12.47 -6.81 -6.70
C GLU A 155 11.08 -6.22 -6.47
N ALA A 156 10.59 -6.27 -5.23
CA ALA A 156 9.29 -5.66 -4.95
C ALA A 156 9.36 -4.14 -5.10
N HIS A 157 10.51 -3.55 -4.76
CA HIS A 157 10.67 -2.12 -4.99
C HIS A 157 10.72 -1.81 -6.49
N ARG A 158 11.34 -2.68 -7.28
CA ARG A 158 11.34 -2.43 -8.73
C ARG A 158 9.93 -2.47 -9.29
N ALA A 159 9.10 -3.42 -8.83
CA ALA A 159 7.75 -3.50 -9.34
C ALA A 159 6.96 -2.26 -8.95
N TRP A 160 7.12 -1.80 -7.71
CA TRP A 160 6.47 -0.57 -7.29
C TRP A 160 6.94 0.60 -8.16
N PHE A 161 8.26 0.75 -8.32
CA PHE A 161 8.78 1.94 -8.98
C PHE A 161 8.46 1.96 -10.47
N LEU A 162 8.49 0.80 -11.14
CA LEU A 162 8.04 0.76 -12.52
C LEU A 162 6.58 1.17 -12.64
N ALA A 163 5.75 0.74 -11.68
CA ALA A 163 4.35 1.14 -11.67
C ALA A 163 4.20 2.64 -11.44
N VAL A 164 5.07 3.23 -10.62
CA VAL A 164 5.00 4.68 -10.41
C VAL A 164 5.29 5.42 -11.71
N ALA A 165 6.30 4.96 -12.47
CA ALA A 165 6.58 5.58 -13.77
C ALA A 165 5.37 5.48 -14.68
N TRP A 166 4.69 4.32 -14.66
CA TRP A 166 3.43 4.18 -15.38
C TRP A 166 2.40 5.22 -14.93
N GLU A 167 2.21 5.34 -13.61
CA GLU A 167 1.26 6.30 -13.07
C GLU A 167 1.61 7.73 -13.43
N LEU A 168 2.91 8.08 -13.35
CA LEU A 168 3.29 9.46 -13.62
C LEU A 168 2.98 9.85 -15.06
N GLY A 169 3.06 8.89 -15.99
CA GLY A 169 2.64 9.15 -17.35
C GLY A 169 1.17 9.56 -17.45
N HIS A 170 0.29 8.87 -16.72
CA HIS A 170 -1.12 9.23 -16.73
C HIS A 170 -1.37 10.58 -16.07
N ARG A 171 -0.65 10.86 -14.96
CA ARG A 171 -0.85 12.14 -14.29
C ARG A 171 -0.39 13.31 -15.15
N ALA A 172 0.72 13.13 -15.88
CA ALA A 172 1.19 14.19 -16.77
C ALA A 172 0.22 14.44 -17.92
N ALA A 173 -0.44 13.39 -18.40
CA ALA A 173 -1.45 13.52 -19.45
C ALA A 173 -2.84 13.83 -18.91
N ARG A 174 -3.01 13.78 -17.58
CA ARG A 174 -4.33 13.89 -16.96
C ARG A 174 -5.32 12.90 -17.58
N SER A 175 -4.84 11.69 -17.89
CA SER A 175 -5.65 10.68 -18.51
C SER A 175 -6.18 9.68 -17.49
N THR A 176 -7.15 8.89 -17.93
CA THR A 176 -7.79 7.90 -17.07
C THR A 176 -7.51 6.52 -17.63
N PRO A 177 -6.82 5.66 -16.90
CA PRO A 177 -6.53 4.31 -17.42
C PRO A 177 -7.80 3.49 -17.59
N ALA A 178 -7.77 2.62 -18.59
CA ALA A 178 -8.85 1.66 -18.75
C ALA A 178 -8.86 0.69 -17.58
N LEU A 179 -10.06 0.20 -17.24
CA LEU A 179 -10.19 -0.68 -16.07
C LEU A 179 -9.29 -1.91 -16.19
N ASN A 180 -9.21 -2.50 -17.38
CA ASN A 180 -8.38 -3.69 -17.53
C ASN A 180 -6.91 -3.39 -17.23
N ASP A 181 -6.44 -2.19 -17.55
CA ASP A 181 -5.07 -1.85 -17.22
C ASP A 181 -4.90 -1.55 -15.74
N TYR A 182 -5.74 -0.67 -15.20
CA TYR A 182 -5.66 -0.36 -13.76
C TYR A 182 -5.77 -1.60 -12.89
N ALA A 183 -6.63 -2.55 -13.28
CA ALA A 183 -6.97 -3.65 -12.38
C ALA A 183 -5.77 -4.50 -11.99
N HIS A 184 -4.80 -4.66 -12.88
CA HIS A 184 -3.60 -5.40 -12.53
C HIS A 184 -2.44 -4.50 -12.10
N MET A 185 -2.49 -3.20 -12.44
CA MET A 185 -1.41 -2.28 -12.11
C MET A 185 -1.53 -1.73 -10.69
N ARG A 186 -2.75 -1.62 -10.15
CA ARG A 186 -2.96 -0.89 -8.91
C ARG A 186 -2.27 -1.57 -7.73
N GLN A 187 -2.17 -2.89 -7.74
CA GLN A 187 -1.43 -3.57 -6.67
C GLN A 187 0.02 -3.11 -6.61
N HIS A 188 0.58 -2.70 -7.75
CA HIS A 188 1.95 -2.24 -7.86
C HIS A 188 2.08 -0.76 -7.58
N THR A 189 1.13 0.08 -8.04
CA THR A 189 1.28 1.49 -7.68
C THR A 189 1.07 1.70 -6.19
N ALA A 190 0.38 0.76 -5.53
CA ALA A 190 0.20 0.82 -4.07
C ALA A 190 1.34 0.17 -3.30
N ALA A 191 2.36 -0.34 -4.01
CA ALA A 191 3.53 -0.93 -3.38
C ALA A 191 3.17 -2.09 -2.45
N GLY A 192 2.17 -2.90 -2.85
CA GLY A 192 1.73 -4.00 -2.01
C GLY A 192 2.85 -4.96 -1.63
N ALA A 193 3.55 -5.49 -2.63
CA ALA A 193 4.60 -6.47 -2.36
C ALA A 193 5.75 -5.85 -1.57
N ALA A 194 6.13 -4.60 -1.89
CA ALA A 194 7.21 -3.96 -1.15
C ALA A 194 6.83 -3.71 0.29
N THR A 195 5.56 -3.40 0.53
CA THR A 195 5.06 -3.23 1.89
C THR A 195 5.15 -4.53 2.67
N LEU A 196 4.67 -5.62 2.08
CA LEU A 196 4.56 -6.88 2.80
C LEU A 196 5.83 -7.69 2.82
N ALA A 197 6.82 -7.38 1.97
CA ALA A 197 8.04 -8.19 1.94
C ALA A 197 8.77 -8.17 3.28
N TRP A 198 8.57 -7.12 4.07
CA TRP A 198 9.19 -7.04 5.38
C TRP A 198 8.63 -8.06 6.36
N ALA A 199 7.41 -8.57 6.13
CA ALA A 199 6.74 -9.37 7.15
C ALA A 199 7.47 -10.68 7.40
N GLU A 200 7.93 -11.35 6.35
CA GLU A 200 8.62 -12.61 6.59
C GLU A 200 9.99 -12.39 7.23
N ILE A 201 10.59 -11.21 7.04
CA ILE A 201 11.82 -10.88 7.75
C ILE A 201 11.53 -10.64 9.23
N VAL A 202 10.47 -9.87 9.52
CA VAL A 202 10.03 -9.75 10.91
C VAL A 202 9.75 -11.12 11.52
N ASP A 203 9.09 -12.02 10.78
CA ASP A 203 8.81 -13.36 11.31
C ASP A 203 10.10 -14.15 11.55
N GLY A 204 11.15 -13.85 10.78
CA GLY A 204 12.42 -14.55 10.94
C GLY A 204 12.49 -15.91 10.28
N ALA A 205 11.68 -16.18 9.25
CA ALA A 205 11.78 -17.43 8.51
C ALA A 205 11.46 -17.19 7.04
N GLU A 206 12.27 -17.79 6.17
CA GLU A 206 12.09 -17.61 4.73
C GLU A 206 10.90 -18.40 4.22
N ILE A 207 9.98 -17.73 3.52
CA ILE A 207 8.95 -18.50 2.83
C ILE A 207 9.57 -19.21 1.64
N PRO A 208 9.38 -20.53 1.49
CA PRO A 208 10.00 -21.23 0.35
C PRO A 208 9.56 -20.63 -0.99
N ASP A 209 10.55 -20.39 -1.86
CA ASP A 209 10.29 -19.90 -3.21
C ASP A 209 9.25 -20.74 -3.94
N ARG A 210 9.30 -22.06 -3.76
CA ARG A 210 8.37 -22.96 -4.45
C ARG A 210 6.92 -22.62 -4.09
N GLU A 211 6.70 -22.18 -2.85
CA GLU A 211 5.36 -21.80 -2.41
C GLU A 211 5.00 -20.39 -2.88
N LEU A 212 5.87 -19.41 -2.62
CA LEU A 212 5.58 -18.04 -2.99
C LEU A 212 5.35 -17.89 -4.49
N SER A 213 6.01 -18.72 -5.31
CA SER A 213 5.89 -18.63 -6.76
C SER A 213 4.76 -19.47 -7.33
N SER A 214 4.14 -20.34 -6.53
CA SER A 214 3.10 -21.21 -7.04
C SER A 214 1.91 -20.37 -7.52
N PRO A 215 1.21 -20.83 -8.55
CA PRO A 215 0.10 -20.01 -9.07
C PRO A 215 -0.97 -19.70 -8.03
N GLU A 216 -1.28 -20.65 -7.14
CA GLU A 216 -2.32 -20.37 -6.16
C GLU A 216 -1.87 -19.32 -5.17
N VAL A 217 -0.59 -19.31 -4.78
CA VAL A 217 -0.13 -18.28 -3.85
C VAL A 217 0.08 -16.95 -4.56
N ARG A 218 0.53 -16.98 -5.81
CA ARG A 218 0.60 -15.74 -6.59
C ARG A 218 -0.78 -15.10 -6.70
N ALA A 219 -1.81 -15.91 -6.97
CA ALA A 219 -3.19 -15.40 -7.01
C ALA A 219 -3.59 -14.80 -5.66
N LEU A 220 -3.33 -15.52 -4.57
CA LEU A 220 -3.66 -15.01 -3.24
C LEU A 220 -2.94 -13.69 -2.96
N THR A 221 -1.65 -13.62 -3.31
CA THR A 221 -0.88 -12.39 -3.15
C THR A 221 -1.52 -11.22 -3.91
N GLU A 222 -1.81 -11.43 -5.20
CA GLU A 222 -2.36 -10.34 -6.02
C GLU A 222 -3.78 -9.99 -5.58
N LEU A 223 -4.56 -10.99 -5.18
CA LEU A 223 -5.90 -10.74 -4.66
C LEU A 223 -5.83 -9.83 -3.43
N ALA A 224 -4.91 -10.14 -2.52
CA ALA A 224 -4.83 -9.38 -1.28
C ALA A 224 -4.36 -7.97 -1.53
N PHE A 225 -3.32 -7.80 -2.36
CA PHE A 225 -2.77 -6.46 -2.54
C PHE A 225 -3.71 -5.60 -3.36
N THR A 226 -4.37 -6.20 -4.35
CA THR A 226 -5.33 -5.45 -5.15
C THR A 226 -6.54 -5.03 -4.32
N THR A 227 -7.09 -5.93 -3.51
CA THR A 227 -8.18 -5.56 -2.61
C THR A 227 -7.76 -4.41 -1.67
N ALA A 228 -6.59 -4.54 -1.03
CA ALA A 228 -6.14 -3.49 -0.12
C ALA A 228 -5.97 -2.16 -0.86
N ALA A 229 -5.41 -2.22 -2.09
CA ALA A 229 -5.21 -1.00 -2.87
C ALA A 229 -6.55 -0.40 -3.30
N PHE A 230 -7.50 -1.25 -3.72
CA PHE A 230 -8.84 -0.76 -4.06
C PHE A 230 -9.54 -0.17 -2.83
N ASP A 231 -9.39 -0.81 -1.68
CA ASP A 231 -9.93 -0.25 -0.44
C ASP A 231 -9.30 1.10 -0.15
N ASP A 232 -8.01 1.24 -0.45
CA ASP A 232 -7.37 2.55 -0.33
C ASP A 232 -8.00 3.56 -1.29
N ASP A 233 -8.27 3.16 -2.54
CA ASP A 233 -8.98 4.06 -3.46
C ASP A 233 -10.28 4.55 -2.84
N LEU A 234 -10.96 3.69 -2.09
CA LEU A 234 -12.24 4.06 -1.49
C LEU A 234 -12.04 4.97 -0.27
N PHE A 235 -11.15 4.60 0.65
CA PHE A 235 -11.07 5.43 1.84
C PHE A 235 -10.21 6.67 1.62
N SER A 236 -9.52 6.78 0.48
CA SER A 236 -8.82 8.00 0.12
C SER A 236 -9.56 8.80 -0.94
N TYR A 237 -10.77 8.38 -1.31
CA TYR A 237 -11.53 9.07 -2.35
C TYR A 237 -11.91 10.48 -1.93
N GLY A 238 -12.35 10.65 -0.68
CA GLY A 238 -12.72 11.99 -0.22
C GLY A 238 -11.54 12.94 -0.21
N LYS A 239 -10.38 12.45 0.21
CA LYS A 239 -9.17 13.28 0.15
C LYS A 239 -8.85 13.67 -1.30
N GLU A 240 -9.18 12.80 -2.26
CA GLU A 240 -9.00 13.17 -3.67
C GLU A 240 -9.95 14.30 -4.07
N LEU A 241 -11.22 14.22 -3.65
CA LEU A 241 -12.17 15.28 -3.96
C LEU A 241 -11.79 16.56 -3.23
N TRP A 242 -11.27 16.44 -2.01
CA TRP A 242 -10.80 17.60 -1.26
C TRP A 242 -9.58 18.24 -1.91
N VAL A 243 -8.80 17.47 -2.67
CA VAL A 243 -7.68 18.04 -3.42
C VAL A 243 -8.18 18.70 -4.70
N ALA A 244 -9.07 18.02 -5.43
CA ALA A 244 -9.63 18.58 -6.65
C ALA A 244 -10.46 19.84 -6.40
N ARG A 245 -11.03 19.99 -5.19
CA ARG A 245 -11.78 21.20 -4.88
C ARG A 245 -10.87 22.34 -4.47
N ALA A 246 -9.71 22.04 -3.87
CA ALA A 246 -8.78 23.09 -3.49
C ALA A 246 -7.94 23.56 -4.67
N GLU A 247 -7.75 22.71 -5.68
CA GLU A 247 -7.10 23.10 -6.92
C GLU A 247 -8.08 23.39 -8.04
N GLY A 248 -9.38 23.21 -7.80
CA GLY A 248 -10.41 23.54 -8.78
C GLY A 248 -10.35 22.70 -10.03
N THR A 249 -9.74 21.51 -9.98
CA THR A 249 -9.63 20.66 -11.15
C THR A 249 -10.54 19.44 -11.03
N ALA A 250 -10.60 18.66 -12.10
CA ALA A 250 -11.31 17.40 -12.04
C ALA A 250 -10.54 16.44 -11.13
N PRO A 251 -11.22 15.51 -10.47
CA PRO A 251 -10.51 14.48 -9.69
C PRO A 251 -9.64 13.60 -10.60
N SER A 252 -8.55 13.13 -10.04
CA SER A 252 -7.61 12.31 -10.79
C SER A 252 -8.29 11.04 -11.31
N GLY A 253 -7.93 10.64 -12.53
CA GLY A 253 -8.41 9.37 -13.07
C GLY A 253 -7.73 8.14 -12.50
N LEU A 254 -6.73 8.33 -11.65
CA LEU A 254 -5.98 7.24 -11.03
C LEU A 254 -6.68 6.81 -9.75
N GLY A 255 -7.80 6.13 -9.94
CA GLY A 255 -8.64 5.68 -8.84
C GLY A 255 -9.77 4.83 -9.38
N LEU A 256 -10.07 3.73 -8.69
CA LEU A 256 -11.09 2.80 -9.17
C LEU A 256 -12.45 3.49 -9.33
N VAL A 257 -12.79 4.40 -8.42
CA VAL A 257 -14.11 5.04 -8.49
C VAL A 257 -14.22 5.85 -9.79
N GLU A 258 -13.25 6.73 -10.04
CA GLU A 258 -13.29 7.55 -11.24
C GLU A 258 -13.21 6.69 -12.51
N ILE A 259 -12.45 5.59 -12.46
CA ILE A 259 -12.35 4.71 -13.62
C ILE A 259 -13.69 4.07 -13.94
N LEU A 260 -14.41 3.59 -12.92
CA LEU A 260 -15.73 3.02 -13.17
C LEU A 260 -16.72 4.10 -13.59
N ARG A 261 -16.59 5.31 -13.03
CA ARG A 261 -17.46 6.42 -13.44
C ARG A 261 -17.29 6.72 -14.92
N ARG A 262 -16.05 6.83 -15.38
CA ARG A 262 -15.80 7.17 -16.79
C ARG A 262 -16.18 6.00 -17.69
N GLU A 263 -15.98 4.77 -17.22
CA GLU A 263 -16.20 3.59 -18.04
C GLU A 263 -17.67 3.22 -18.17
N ASN A 264 -18.50 3.55 -17.17
CA ASN A 264 -19.92 3.21 -17.20
C ASN A 264 -20.80 4.43 -17.43
N ARG A 265 -20.21 5.62 -17.62
CA ARG A 265 -20.97 6.84 -17.90
C ARG A 265 -22.02 7.09 -16.83
N CYS A 266 -21.66 6.80 -15.58
CA CYS A 266 -22.59 6.84 -14.45
C CYS A 266 -22.19 7.97 -13.50
N GLY A 267 -23.03 8.15 -12.48
CA GLY A 267 -22.74 9.12 -11.45
C GLY A 267 -21.86 8.55 -10.35
N ARG A 268 -21.41 9.44 -9.47
CA ARG A 268 -20.53 9.03 -8.37
C ARG A 268 -21.14 7.96 -7.46
N PRO A 269 -22.39 8.08 -6.99
CA PRO A 269 -22.95 7.00 -6.15
C PRO A 269 -22.92 5.63 -6.82
N GLU A 270 -23.28 5.55 -8.10
CA GLU A 270 -23.27 4.25 -8.79
C GLU A 270 -21.85 3.71 -8.92
N ALA A 271 -20.88 4.58 -9.17
CA ALA A 271 -19.49 4.13 -9.27
C ALA A 271 -18.99 3.61 -7.95
N LEU A 272 -19.33 4.28 -6.84
CA LEU A 272 -18.94 3.81 -5.52
C LEU A 272 -19.51 2.42 -5.26
N ARG A 273 -20.76 2.18 -5.68
CA ARG A 273 -21.37 0.87 -5.54
C ARG A 273 -20.64 -0.17 -6.38
N ALA A 274 -20.30 0.15 -7.62
CA ALA A 274 -19.60 -0.81 -8.47
C ALA A 274 -18.19 -1.09 -7.93
N ALA A 275 -17.53 -0.08 -7.37
CA ALA A 275 -16.20 -0.30 -6.83
C ALA A 275 -16.25 -1.23 -5.63
N VAL A 276 -17.21 -1.02 -4.74
CA VAL A 276 -17.36 -1.87 -3.57
C VAL A 276 -17.78 -3.28 -3.98
N CYS A 277 -18.66 -3.40 -4.97
CA CYS A 277 -19.05 -4.72 -5.46
C CYS A 277 -17.82 -5.49 -5.91
N LEU A 278 -16.90 -4.82 -6.59
CA LEU A 278 -15.69 -5.47 -7.06
C LEU A 278 -14.81 -5.88 -5.88
N CYS A 279 -14.64 -4.97 -4.92
CA CYS A 279 -13.84 -5.30 -3.74
C CYS A 279 -14.40 -6.50 -3.01
N ASN A 280 -15.74 -6.58 -2.92
CA ASN A 280 -16.37 -7.70 -2.23
C ASN A 280 -16.10 -9.01 -2.93
N ARG A 281 -16.12 -9.02 -4.27
CA ARG A 281 -15.86 -10.26 -5.00
C ARG A 281 -14.39 -10.68 -4.88
N LEU A 282 -13.48 -9.71 -4.91
CA LEU A 282 -12.07 -10.03 -4.70
C LEU A 282 -11.85 -10.60 -3.31
N THR A 283 -12.47 -9.99 -2.29
CA THR A 283 -12.30 -10.45 -0.93
C THR A 283 -12.83 -11.87 -0.76
N HIS A 284 -14.00 -12.14 -1.33
CA HIS A 284 -14.57 -13.49 -1.24
C HIS A 284 -13.66 -14.51 -1.91
N ARG A 285 -13.11 -14.16 -3.08
CA ARG A 285 -12.21 -15.07 -3.77
C ARG A 285 -10.93 -15.31 -2.97
N PHE A 286 -10.38 -14.26 -2.38
CA PHE A 286 -9.21 -14.43 -1.52
C PHE A 286 -9.50 -15.43 -0.40
N ILE A 287 -10.62 -15.24 0.30
CA ILE A 287 -10.96 -16.13 1.40
C ILE A 287 -11.18 -17.55 0.92
N ALA A 288 -11.87 -17.72 -0.21
CA ALA A 288 -12.13 -19.06 -0.73
C ALA A 288 -10.83 -19.75 -1.14
N LEU A 289 -9.93 -19.02 -1.81
CA LEU A 289 -8.68 -19.62 -2.27
C LEU A 289 -7.77 -19.92 -1.11
N ARG A 290 -7.81 -19.09 -0.09
CA ARG A 290 -7.04 -19.30 1.12
C ARG A 290 -7.39 -20.67 1.74
N GLU A 291 -8.69 -20.97 1.84
CA GLU A 291 -9.14 -22.25 2.39
C GLU A 291 -8.55 -23.43 1.64
N ARG A 292 -8.38 -23.32 0.33
CA ARG A 292 -7.82 -24.44 -0.43
C ARG A 292 -6.31 -24.54 -0.25
N VAL A 293 -5.65 -23.43 0.06
CA VAL A 293 -4.19 -23.38 0.16
C VAL A 293 -3.70 -23.76 1.54
N LEU A 294 -4.42 -23.36 2.59
CA LEU A 294 -3.94 -23.54 3.96
C LEU A 294 -3.61 -24.99 4.34
N PRO A 295 -4.38 -26.01 3.94
CA PRO A 295 -4.07 -27.38 4.39
C PRO A 295 -2.65 -27.84 4.13
N ASP A 296 -2.05 -27.47 3.00
CA ASP A 296 -0.70 -27.92 2.67
C ASP A 296 0.36 -26.87 2.89
N ALA A 297 0.00 -25.71 3.44
CA ALA A 297 0.95 -24.63 3.61
C ALA A 297 2.02 -24.98 4.64
N SER A 298 3.26 -24.59 4.35
CA SER A 298 4.31 -24.57 5.35
C SER A 298 3.98 -23.56 6.44
N ALA A 299 4.67 -23.65 7.57
CA ALA A 299 4.48 -22.67 8.62
C ALA A 299 4.79 -21.23 8.17
N PRO A 300 5.88 -20.94 7.45
CA PRO A 300 6.06 -19.55 6.98
C PRO A 300 5.00 -19.09 6.00
N LEU A 301 4.51 -19.97 5.12
CA LEU A 301 3.41 -19.59 4.25
C LEU A 301 2.13 -19.34 5.04
N ARG A 302 1.82 -20.19 6.01
CA ARG A 302 0.66 -19.95 6.86
C ARG A 302 0.77 -18.61 7.56
N ALA A 303 1.97 -18.26 8.03
CA ALA A 303 2.18 -16.94 8.63
C ALA A 303 1.91 -15.82 7.63
N TYR A 304 2.44 -15.98 6.42
CA TYR A 304 2.21 -14.97 5.37
C TYR A 304 0.71 -14.79 5.11
N LEU A 305 -0.01 -15.89 4.97
CA LEU A 305 -1.46 -15.76 4.75
C LEU A 305 -2.16 -15.16 5.97
N ASP A 306 -1.65 -15.42 7.17
CA ASP A 306 -2.17 -14.74 8.35
C ASP A 306 -2.01 -13.22 8.23
N HIS A 307 -0.85 -12.77 7.75
CA HIS A 307 -0.60 -11.33 7.60
C HIS A 307 -1.52 -10.74 6.52
N LEU A 308 -1.68 -11.42 5.39
CA LEU A 308 -2.62 -10.95 4.38
C LEU A 308 -4.04 -10.90 4.92
N CYS A 309 -4.44 -11.89 5.74
CA CYS A 309 -5.77 -11.86 6.35
C CYS A 309 -5.93 -10.72 7.33
N HIS A 310 -4.85 -10.30 7.99
CA HIS A 310 -5.00 -9.16 8.88
C HIS A 310 -4.91 -7.85 8.10
N LEU A 311 -4.17 -7.89 7.00
CA LEU A 311 -4.05 -6.72 6.14
C LEU A 311 -5.41 -6.23 5.66
N LEU A 312 -6.27 -7.13 5.17
CA LEU A 312 -7.49 -6.66 4.52
C LEU A 312 -8.39 -5.89 5.48
N PRO A 313 -8.82 -6.43 6.62
CA PRO A 313 -9.65 -5.64 7.53
C PRO A 313 -8.86 -4.56 8.27
N GLY A 314 -7.56 -4.78 8.50
CA GLY A 314 -6.78 -3.76 9.18
C GLY A 314 -6.55 -2.52 8.34
N ASN A 315 -6.25 -2.71 7.05
CA ASN A 315 -6.07 -1.58 6.13
C ASN A 315 -7.33 -0.72 6.08
N LEU A 316 -8.50 -1.36 5.97
CA LEU A 316 -9.76 -0.63 5.98
C LEU A 316 -9.92 0.20 7.24
N GLU A 317 -9.72 -0.43 8.41
CA GLU A 317 -9.92 0.30 9.67
C GLU A 317 -8.94 1.46 9.79
N TRP A 318 -7.65 1.21 9.49
CA TRP A 318 -6.65 2.26 9.53
C TRP A 318 -7.00 3.40 8.57
N GLY A 319 -7.38 3.05 7.34
CA GLY A 319 -7.69 4.08 6.35
C GLY A 319 -8.91 4.91 6.71
N LEU A 320 -9.89 4.29 7.36
CA LEU A 320 -11.10 5.01 7.70
C LEU A 320 -10.92 5.92 8.92
N THR A 321 -9.85 5.74 9.68
CA THR A 321 -9.67 6.50 10.91
C THR A 321 -8.40 7.34 10.94
N ALA A 322 -7.41 7.07 10.09
CA ALA A 322 -6.17 7.83 10.12
C ALA A 322 -6.40 9.26 9.64
N ASP A 323 -5.78 10.22 10.34
CA ASP A 323 -5.92 11.62 9.96
C ASP A 323 -5.36 11.92 8.58
N ARG A 324 -4.55 11.01 8.02
CA ARG A 324 -4.08 11.18 6.64
C ARG A 324 -5.22 11.40 5.66
N TYR A 325 -6.37 10.78 5.89
CA TYR A 325 -7.50 10.85 4.98
C TYR A 325 -8.64 11.71 5.51
N ARG A 326 -8.47 12.35 6.66
CA ARG A 326 -9.51 13.17 7.28
C ARG A 326 -9.07 14.60 7.51
N ASN A 327 -7.79 14.84 7.72
CA ASN A 327 -7.24 16.18 7.92
C ASN A 327 -6.03 16.26 7.02
N PRO A 328 -6.24 16.37 5.70
CA PRO A 328 -5.14 16.12 4.75
C PRO A 328 -3.96 17.05 4.92
N ASP A 329 -4.18 18.36 4.96
CA ASP A 329 -3.08 19.32 5.10
C ASP A 329 -2.52 19.39 6.51
N GLY A 330 -3.22 18.82 7.50
CA GLY A 330 -2.76 18.83 8.87
C GLY A 330 -3.22 20.01 9.70
N ARG A 331 -4.07 20.87 9.16
CA ARG A 331 -4.59 22.01 9.92
C ARG A 331 -6.10 22.17 9.71
N THR A 332 -6.80 21.07 9.43
CA THR A 332 -8.23 21.10 9.15
C THR A 332 -8.88 19.87 9.76
N PRO A 333 -9.00 19.82 11.09
CA PRO A 333 -9.59 18.63 11.73
C PRO A 333 -11.01 18.39 11.23
N GLY A 334 -11.24 17.18 10.71
CA GLY A 334 -12.56 16.82 10.24
C GLY A 334 -12.96 17.35 8.89
N ALA A 335 -12.00 17.81 8.09
CA ALA A 335 -12.31 18.33 6.75
C ALA A 335 -12.94 17.26 5.87
N VAL A 336 -12.46 16.03 5.97
CA VAL A 336 -13.01 14.90 5.23
C VAL A 336 -13.50 13.87 6.23
N THR A 337 -14.69 13.35 5.99
CA THR A 337 -15.25 12.30 6.81
C THR A 337 -15.73 11.21 5.88
N THR A 338 -15.17 10.02 6.06
CA THR A 338 -15.57 8.85 5.29
C THR A 338 -16.19 7.85 6.22
N THR A 339 -17.40 7.38 5.89
CA THR A 339 -18.03 6.30 6.61
C THR A 339 -18.14 5.07 5.72
N ALA A 340 -18.27 3.90 6.35
CA ALA A 340 -18.43 2.66 5.62
C ALA A 340 -19.39 1.75 6.36
N SER A 341 -20.09 0.91 5.60
CA SER A 341 -20.91 -0.14 6.16
C SER A 341 -20.20 -1.48 5.99
N ARG A 342 -20.68 -2.47 6.73
CA ARG A 342 -20.26 -3.85 6.57
C ARG A 342 -21.40 -4.66 5.97
N ASP A 343 -21.12 -5.34 4.88
CA ASP A 343 -22.04 -6.32 4.31
C ASP A 343 -21.70 -7.65 4.94
N THR A 344 -22.66 -8.24 5.65
CA THR A 344 -22.44 -9.52 6.30
C THR A 344 -22.67 -10.71 5.38
N ASP A 345 -23.33 -10.50 4.23
CA ASP A 345 -23.54 -11.60 3.31
C ASP A 345 -22.45 -11.60 2.23
N PRO A 346 -22.06 -12.77 1.76
CA PRO A 346 -21.08 -12.84 0.67
C PRO A 346 -21.70 -12.34 -0.63
N PRO A 347 -20.90 -12.00 -1.64
CA PRO A 347 -21.49 -11.64 -2.93
C PRO A 347 -22.32 -12.80 -3.48
N ALA A 348 -23.46 -12.47 -4.07
CA ALA A 348 -24.24 -13.51 -4.71
C ALA A 348 -23.52 -14.06 -5.94
N ASP A 349 -22.64 -13.27 -6.56
CA ASP A 349 -21.93 -13.67 -7.77
C ASP A 349 -20.48 -14.01 -7.40
N THR A 350 -20.14 -15.30 -7.47
CA THR A 350 -18.78 -15.75 -7.18
C THR A 350 -17.98 -16.05 -8.44
N SER A 351 -18.49 -15.68 -9.62
CA SER A 351 -17.78 -15.93 -10.86
C SER A 351 -16.73 -14.84 -11.10
N PRO A 352 -15.79 -15.07 -12.02
CA PRO A 352 -14.75 -14.06 -12.30
C PRO A 352 -15.36 -12.82 -12.93
N PRO A 353 -14.87 -11.63 -12.59
CA PRO A 353 -15.30 -10.42 -13.28
C PRO A 353 -14.76 -10.42 -14.71
N ALA A 354 -15.44 -9.65 -15.56
CA ALA A 354 -15.04 -9.50 -16.96
C ALA A 354 -13.84 -8.55 -17.07
N ILE A 355 -12.76 -8.94 -16.40
CA ILE A 355 -11.52 -8.17 -16.39
C ILE A 355 -10.39 -9.14 -16.72
N PRO A 356 -10.00 -9.25 -17.99
CA PRO A 356 -9.09 -10.34 -18.39
C PRO A 356 -7.72 -10.30 -17.72
N SER A 357 -7.21 -9.12 -17.37
CA SER A 357 -5.87 -9.04 -16.79
C SER A 357 -5.79 -9.64 -15.39
N ILE A 358 -6.93 -9.89 -14.72
CA ILE A 358 -6.95 -10.51 -13.40
C ILE A 358 -7.80 -11.77 -13.35
N ALA A 359 -8.40 -12.18 -14.48
CA ALA A 359 -9.35 -13.29 -14.43
C ALA A 359 -8.73 -14.59 -13.94
N TRP A 360 -7.42 -14.77 -14.16
CA TRP A 360 -6.75 -16.01 -13.77
C TRP A 360 -6.72 -16.23 -12.26
N TRP A 361 -6.98 -15.20 -11.45
CA TRP A 361 -7.09 -15.46 -10.01
C TRP A 361 -8.21 -16.44 -9.71
N TRP A 362 -9.19 -16.55 -10.60
CA TRP A 362 -10.31 -17.46 -10.39
C TRP A 362 -10.09 -18.85 -11.01
N ASP A 363 -8.95 -19.08 -11.68
CA ASP A 363 -8.62 -20.32 -12.40
C ASP A 363 -9.16 -21.63 -11.79
C20 GRG B . -1.58 -2.37 -0.95
C19 GRG B . -0.61 -3.19 1.23
C18 GRG B . -1.19 -2.00 0.47
C17 GRG B . -2.29 -1.29 1.27
C16 GRG B . -2.85 -0.01 0.66
C14 GRG B . -2.09 2.19 2.44
C13 GRG B . -1.13 1.88 1.28
C15 GRG B . -1.78 1.00 0.20
C12 GRG B . 0.13 1.22 1.80
C11 GRG B . 1.00 2.14 2.65
C9 GRG B . 2.41 1.56 2.86
C8 GRG B . 3.52 2.27 2.09
C10 GRG B . 3.62 3.75 2.47
C7 GRG B . 3.31 2.05 0.58
C6 GRG B . 4.08 2.99 -0.36
C5 GRG B . 3.11 3.65 -1.36
C3 GRG B . 2.02 4.42 -0.61
C4 GRG B . 2.26 5.92 -0.76
C2 GRG B . 0.63 4.04 -1.13
C1 GRG B . -0.49 4.91 -0.57
O1 GRG B . -1.56 4.89 -1.49
PA GRG B . -1.74 6.17 -2.50
O1A GRG B . -0.55 6.31 -3.43
O3A GRG B . -1.77 7.50 -1.55
O2A GRG B . -3.00 6.05 -3.30
PB GRG B . -3.09 7.92 -0.68
O1B GRG B . -2.68 8.84 0.44
O2B GRG B . -4.08 8.63 -1.58
O3B GRG B . -3.72 6.65 -0.18
MG MG C . -5.09 6.49 -2.47
MG MG D . -0.34 9.75 -2.05
#